data_3VCO
#
_entry.id   3VCO
#
_cell.length_a   107.352
_cell.length_b   107.352
_cell.length_c   33.458
_cell.angle_alpha   90.000
_cell.angle_beta   90.000
_cell.angle_gamma   90.000
#
_symmetry.space_group_name_H-M   'P 41 21 2'
#
loop_
_entity.id
_entity.type
_entity.pdbx_description
1 polymer 'Dihydrofolate reductase'
2 non-polymer 'SULFATE ION'
3 water water
#
_entity_poly.entity_id   1
_entity_poly.type   'polypeptide(L)'
_entity_poly.pdbx_seq_one_letter_code
;MGSSHHHHHHSSGLVPRGSHMRLNVVVAVSENWGIGKGGGLPWKIKKDMEFFKTVTTKAHPGLKNAVVMGRVTWESIPES
FKPLKDRINIVVSSTLSHAPSFVQVVPSLNAAIDLLYNEEFSSIVDEVFIIGGYRLYKEALKQSIYPVRIYCTHILSEVD
CDTYFPKVDWDKLKKVDLPDIPADTFTENGFTFKFCVYDVP
;
_entity_poly.pdbx_strand_id   A
#
loop_
_chem_comp.id
_chem_comp.type
_chem_comp.name
_chem_comp.formula
SO4 non-polymer 'SULFATE ION' 'O4 S -2'
#
# COMPACT_ATOMS: atom_id res chain seq x y z
N SER A 19 -2.44 -8.82 -17.11
CA SER A 19 -2.98 -8.31 -18.37
C SER A 19 -2.84 -6.80 -18.44
N HIS A 20 -3.86 -6.09 -17.95
CA HIS A 20 -3.86 -4.63 -17.82
C HIS A 20 -3.66 -4.30 -16.34
N MET A 21 -2.60 -3.58 -16.02
CA MET A 21 -2.23 -3.37 -14.64
C MET A 21 -3.18 -2.43 -13.89
N ARG A 22 -3.72 -2.92 -12.78
CA ARG A 22 -4.47 -2.10 -11.85
C ARG A 22 -3.42 -1.63 -10.85
N LEU A 23 -3.49 -0.38 -10.43
CA LEU A 23 -2.55 0.02 -9.39
C LEU A 23 -3.33 -0.09 -8.12
N ASN A 24 -2.81 -0.85 -7.17
CA ASN A 24 -3.50 -1.03 -5.90
C ASN A 24 -2.82 -0.11 -4.91
N VAL A 25 -3.63 0.69 -4.22
CA VAL A 25 -3.13 1.59 -3.23
C VAL A 25 -3.55 1.02 -1.88
N VAL A 26 -2.61 0.92 -0.95
CA VAL A 26 -2.97 0.46 0.41
C VAL A 26 -2.63 1.61 1.38
N VAL A 27 -3.60 2.01 2.18
CA VAL A 27 -3.42 3.17 3.05
C VAL A 27 -4.37 3.07 4.25
N ALA A 28 -3.96 3.68 5.38
CA ALA A 28 -4.80 3.83 6.56
C ALA A 28 -5.13 5.30 6.64
N VAL A 29 -6.41 5.64 6.84
CA VAL A 29 -6.79 7.05 6.89
C VAL A 29 -7.69 7.36 8.09
N SER A 30 -7.50 8.54 8.68
CA SER A 30 -8.41 9.03 9.70
C SER A 30 -9.73 9.60 9.11
N GLU A 31 -10.58 10.09 10.00
CA GLU A 31 -11.87 10.68 9.63
C GLU A 31 -11.87 11.67 8.47
N ASN A 32 -10.82 12.46 8.36
CA ASN A 32 -10.68 13.38 7.23
C ASN A 32 -9.68 13.00 6.16
N TRP A 33 -9.59 11.70 5.92
CA TRP A 33 -8.49 11.10 5.15
C TRP A 33 -7.11 11.76 5.44
N GLY A 34 -6.82 12.05 6.71
CA GLY A 34 -5.44 12.17 7.16
C GLY A 34 -4.74 10.81 7.06
N ILE A 35 -3.48 10.79 6.63
CA ILE A 35 -2.77 9.50 6.44
C ILE A 35 -2.29 8.88 7.78
N GLY A 36 -2.66 7.61 8.00
CA GLY A 36 -2.28 6.84 9.16
C GLY A 36 -0.82 6.43 9.15
N LYS A 37 0.04 7.35 9.62
CA LYS A 37 1.47 7.15 9.71
C LYS A 37 2.00 7.91 10.93
N GLY A 38 3.28 7.71 11.25
CA GLY A 38 3.85 8.27 12.47
C GLY A 38 3.63 7.38 13.67
N GLY A 39 4.51 7.47 14.66
CA GLY A 39 4.49 6.53 15.76
C GLY A 39 4.68 5.12 15.21
N GLY A 40 3.88 4.17 15.67
CA GLY A 40 3.99 2.83 15.14
C GLY A 40 3.12 2.58 13.92
N LEU A 41 2.38 3.58 13.48
CA LEU A 41 1.32 3.39 12.47
C LEU A 41 1.84 3.18 11.04
N PRO A 42 1.22 2.24 10.31
CA PRO A 42 0.12 1.37 10.73
C PRO A 42 0.60 -0.01 11.26
N TRP A 43 1.92 -0.22 11.30
CA TRP A 43 2.54 -1.49 11.64
C TRP A 43 2.15 -2.01 13.03
N LYS A 44 1.86 -1.09 13.96
CA LYS A 44 1.59 -1.50 15.31
C LYS A 44 0.17 -2.04 15.58
N ILE A 45 -0.77 -1.74 14.70
CA ILE A 45 -2.10 -2.31 14.85
C ILE A 45 -2.13 -3.74 14.27
N LYS A 46 -2.24 -4.74 15.13
CA LYS A 46 -2.04 -6.14 14.75
C LYS A 46 -3.06 -6.59 13.72
N LYS A 47 -4.30 -6.17 13.93
CA LYS A 47 -5.38 -6.52 13.03
C LYS A 47 -5.15 -5.87 11.66
N ASP A 48 -4.59 -4.67 11.65
CA ASP A 48 -4.33 -4.02 10.36
C ASP A 48 -3.21 -4.73 9.61
N MET A 49 -2.21 -5.21 10.34
CA MET A 49 -1.14 -6.00 9.74
C MET A 49 -1.59 -7.34 9.12
N GLU A 50 -2.49 -8.03 9.79
CA GLU A 50 -3.14 -9.19 9.16
C GLU A 50 -3.77 -8.81 7.81
N PHE A 51 -4.55 -7.72 7.80
CA PHE A 51 -5.21 -7.21 6.60
C PHE A 51 -4.16 -6.87 5.55
N PHE A 52 -3.16 -6.11 5.98
CA PHE A 52 -2.05 -5.73 5.10
C PHE A 52 -1.34 -6.96 4.51
N LYS A 53 -0.89 -7.87 5.37
CA LYS A 53 -0.23 -9.11 4.95
C LYS A 53 -1.03 -9.90 3.92
N THR A 54 -2.28 -10.20 4.26
CA THR A 54 -3.21 -10.86 3.34
C THR A 54 -3.37 -10.17 1.99
N VAL A 55 -3.75 -8.89 2.01
CA VAL A 55 -3.99 -8.11 0.80
C VAL A 55 -2.74 -8.13 -0.07
N THR A 56 -1.57 -7.87 0.53
CA THR A 56 -0.37 -7.72 -0.29
C THR A 56 0.34 -8.99 -0.64
N THR A 57 0.07 -10.08 0.08
CA THR A 57 0.83 -11.29 -0.18
C THR A 57 0.10 -12.24 -1.09
N LYS A 58 -1.21 -12.29 -0.96
CA LYS A 58 -2.00 -13.21 -1.76
C LYS A 58 -1.82 -13.03 -3.25
N ALA A 59 -1.36 -14.07 -3.94
CA ALA A 59 -1.13 -13.95 -5.36
C ALA A 59 -1.47 -15.29 -6.01
N HIS A 60 -1.73 -15.27 -7.30
CA HIS A 60 -1.91 -16.52 -8.01
C HIS A 60 -0.66 -17.42 -7.87
N PRO A 61 -0.85 -18.74 -7.83
CA PRO A 61 0.28 -19.63 -7.52
C PRO A 61 1.49 -19.45 -8.44
N GLY A 62 2.69 -19.57 -7.88
CA GLY A 62 3.91 -19.36 -8.65
C GLY A 62 4.39 -17.90 -8.65
N LEU A 63 3.47 -16.97 -8.42
CA LEU A 63 3.74 -15.54 -8.60
C LEU A 63 3.86 -14.76 -7.29
N LYS A 64 4.39 -13.56 -7.37
CA LYS A 64 4.51 -12.70 -6.18
C LYS A 64 4.00 -11.31 -6.48
N ASN A 65 3.26 -10.74 -5.55
CA ASN A 65 2.89 -9.34 -5.70
C ASN A 65 4.10 -8.42 -5.45
N ALA A 66 4.07 -7.21 -5.99
CA ALA A 66 5.07 -6.18 -5.70
C ALA A 66 4.49 -5.16 -4.71
N VAL A 67 5.29 -4.76 -3.72
CA VAL A 67 4.90 -3.64 -2.86
C VAL A 67 5.91 -2.53 -3.12
N VAL A 68 5.38 -1.37 -3.52
CA VAL A 68 6.19 -0.26 -3.92
C VAL A 68 5.96 0.83 -2.89
N MET A 69 7.03 1.47 -2.43
CA MET A 69 6.92 2.43 -1.35
C MET A 69 8.07 3.44 -1.41
N GLY A 70 7.90 4.62 -0.79
CA GLY A 70 8.99 5.59 -0.61
C GLY A 70 9.94 5.14 0.49
N ARG A 71 11.05 5.85 0.62
CA ARG A 71 12.06 5.55 1.66
C ARG A 71 11.57 5.71 3.07
N VAL A 72 10.79 6.75 3.33
CA VAL A 72 10.36 6.97 4.71
C VAL A 72 9.39 5.87 5.10
N THR A 73 8.56 5.42 4.16
CA THR A 73 7.73 4.25 4.44
C THR A 73 8.63 3.04 4.70
N TRP A 74 9.58 2.79 3.82
CA TRP A 74 10.53 1.71 4.04
C TRP A 74 11.24 1.81 5.42
N GLU A 75 11.66 3.00 5.81
CA GLU A 75 12.39 3.16 7.04
C GLU A 75 11.52 3.02 8.25
N SER A 76 10.20 3.23 8.08
CA SER A 76 9.30 3.23 9.24
C SER A 76 8.97 1.81 9.65
N ILE A 77 9.13 0.86 8.74
CA ILE A 77 8.85 -0.53 8.99
C ILE A 77 9.83 -1.14 10.02
N PRO A 78 9.28 -1.78 11.05
CA PRO A 78 10.13 -2.42 12.07
C PRO A 78 10.99 -3.52 11.46
N GLU A 79 12.19 -3.67 11.99
CA GLU A 79 13.19 -4.59 11.46
C GLU A 79 12.73 -6.05 11.36
N SER A 80 12.04 -6.54 12.40
CA SER A 80 11.42 -7.85 12.36
C SER A 80 10.49 -8.08 11.15
N PHE A 81 10.13 -7.00 10.45
CA PHE A 81 9.14 -7.05 9.38
C PHE A 81 9.75 -6.93 7.97
N LYS A 82 10.99 -6.46 7.90
CA LYS A 82 11.67 -6.00 6.68
C LYS A 82 12.71 -7.02 6.19
N PRO A 83 12.80 -7.27 4.86
CA PRO A 83 11.92 -6.92 3.73
C PRO A 83 10.63 -7.72 3.89
N LEU A 84 9.56 -7.30 3.25
CA LEU A 84 8.29 -7.98 3.40
C LEU A 84 8.39 -9.30 2.68
N LYS A 85 8.27 -10.42 3.40
CA LYS A 85 8.48 -11.73 2.78
C LYS A 85 7.46 -12.05 1.67
N ASP A 86 7.92 -12.77 0.66
CA ASP A 86 7.02 -13.30 -0.38
C ASP A 86 6.42 -12.23 -1.29
N ARG A 87 7.04 -11.05 -1.27
CA ARG A 87 6.67 -9.94 -2.14
C ARG A 87 7.93 -9.36 -2.71
N ILE A 88 7.82 -8.82 -3.90
CA ILE A 88 8.94 -8.09 -4.49
C ILE A 88 8.88 -6.72 -3.83
N ASN A 89 9.90 -6.35 -3.08
CA ASN A 89 10.00 -5.04 -2.43
C ASN A 89 10.70 -4.04 -3.32
N ILE A 90 10.08 -2.88 -3.53
CA ILE A 90 10.70 -1.85 -4.36
C ILE A 90 10.57 -0.52 -3.63
N VAL A 91 11.70 0.13 -3.37
CA VAL A 91 11.64 1.44 -2.72
C VAL A 91 11.95 2.50 -3.78
N VAL A 92 11.14 3.57 -3.83
CA VAL A 92 11.35 4.62 -4.78
C VAL A 92 12.06 5.74 -4.02
N SER A 93 13.36 5.86 -4.27
CA SER A 93 14.21 6.81 -3.55
C SER A 93 15.45 7.13 -4.39
N SER A 94 15.99 8.34 -4.26
CA SER A 94 17.29 8.66 -4.85
C SER A 94 18.38 8.64 -3.78
N THR A 95 17.95 8.59 -2.52
CA THR A 95 18.86 8.62 -1.38
C THR A 95 19.36 7.23 -0.99
N LEU A 96 18.43 6.29 -0.88
CA LEU A 96 18.76 4.98 -0.31
C LEU A 96 19.90 4.33 -1.09
N SER A 97 21.07 4.35 -0.49
CA SER A 97 22.26 3.91 -1.20
C SER A 97 22.25 2.40 -1.34
N HIS A 98 21.89 1.70 -0.26
CA HIS A 98 21.97 0.26 -0.28
C HIS A 98 20.65 -0.35 0.20
N ALA A 99 20.43 -1.62 -0.15
CA ALA A 99 19.25 -2.29 0.34
C ALA A 99 19.59 -3.71 0.65
N PRO A 100 18.75 -4.38 1.47
CA PRO A 100 18.96 -5.81 1.75
C PRO A 100 18.84 -6.57 0.46
N SER A 101 19.49 -7.72 0.37
CA SER A 101 19.43 -8.57 -0.82
C SER A 101 18.00 -8.70 -1.34
N PHE A 102 17.87 -8.38 -2.62
CA PHE A 102 16.67 -8.55 -3.42
C PHE A 102 15.64 -7.44 -3.23
N VAL A 103 15.91 -6.48 -2.36
CA VAL A 103 15.09 -5.29 -2.32
C VAL A 103 15.55 -4.37 -3.47
N GLN A 104 14.63 -3.88 -4.26
CA GLN A 104 14.98 -2.99 -5.39
C GLN A 104 14.82 -1.51 -5.03
N VAL A 105 15.78 -0.70 -5.43
CA VAL A 105 15.71 0.73 -5.22
C VAL A 105 15.73 1.41 -6.57
N VAL A 106 14.74 2.26 -6.86
CA VAL A 106 14.66 2.94 -8.16
C VAL A 106 14.30 4.42 -7.91
N PRO A 107 14.65 5.32 -8.85
CA PRO A 107 14.47 6.75 -8.54
C PRO A 107 13.02 7.24 -8.67
N SER A 108 12.16 6.46 -9.32
CA SER A 108 10.83 6.97 -9.62
C SER A 108 9.81 5.84 -9.71
N LEU A 109 8.54 6.20 -9.58
CA LEU A 109 7.45 5.25 -9.81
C LEU A 109 7.47 4.70 -11.24
N ASN A 110 7.75 5.58 -12.21
CA ASN A 110 7.94 5.19 -13.59
C ASN A 110 8.86 4.02 -13.61
N ALA A 111 9.99 4.20 -12.96
CA ALA A 111 11.02 3.20 -12.99
C ALA A 111 10.61 1.91 -12.26
N ALA A 112 9.83 2.01 -11.18
CA ALA A 112 9.37 0.80 -10.49
C ALA A 112 8.50 -0.02 -11.45
N ILE A 113 7.59 0.65 -12.17
CA ILE A 113 6.70 -0.07 -13.10
C ILE A 113 7.46 -0.68 -14.28
N ASP A 114 8.40 0.06 -14.83
CA ASP A 114 9.24 -0.49 -15.89
C ASP A 114 10.01 -1.71 -15.43
N LEU A 115 10.53 -1.62 -14.21
CA LEU A 115 11.28 -2.72 -13.61
C LEU A 115 10.41 -3.98 -13.48
N LEU A 116 9.18 -3.80 -13.01
CA LEU A 116 8.21 -4.91 -12.91
C LEU A 116 7.77 -5.49 -14.23
N TYR A 117 7.81 -4.68 -15.28
CA TYR A 117 7.64 -5.24 -16.61
C TYR A 117 8.98 -5.63 -17.29
N ASN A 118 10.12 -5.49 -16.64
CA ASN A 118 11.33 -5.95 -17.33
C ASN A 118 11.60 -7.44 -17.10
N GLU A 119 12.55 -7.96 -17.85
CA GLU A 119 12.78 -9.41 -17.92
C GLU A 119 13.01 -10.06 -16.56
N GLU A 120 13.51 -9.27 -15.62
CA GLU A 120 13.82 -9.82 -14.32
C GLU A 120 12.57 -10.13 -13.48
N PHE A 121 11.49 -9.40 -13.73
CA PHE A 121 10.29 -9.52 -12.88
C PHE A 121 9.00 -9.86 -13.61
N SER A 122 8.99 -9.75 -14.93
CA SER A 122 7.70 -9.79 -15.64
C SER A 122 7.07 -11.19 -15.64
N SER A 123 7.89 -12.20 -15.39
CA SER A 123 7.39 -13.58 -15.30
C SER A 123 7.01 -13.91 -13.85
N ILE A 124 7.33 -13.00 -12.93
CA ILE A 124 7.11 -13.26 -11.51
C ILE A 124 5.93 -12.47 -10.92
N VAL A 125 5.79 -11.22 -11.33
CA VAL A 125 4.86 -10.28 -10.69
C VAL A 125 3.38 -10.66 -10.93
N ASP A 126 2.57 -10.53 -9.91
CA ASP A 126 1.15 -10.69 -10.08
C ASP A 126 0.58 -9.28 -9.97
N GLU A 127 0.20 -8.82 -8.77
CA GLU A 127 -0.37 -7.48 -8.63
CA GLU A 127 -0.33 -7.46 -8.67
C GLU A 127 0.67 -6.49 -8.03
N VAL A 128 0.41 -5.21 -8.19
CA VAL A 128 1.29 -4.16 -7.73
C VAL A 128 0.53 -3.35 -6.67
N PHE A 129 1.13 -3.23 -5.48
CA PHE A 129 0.54 -2.41 -4.41
C PHE A 129 1.48 -1.24 -4.14
N ILE A 130 0.92 -0.02 -4.06
CA ILE A 130 1.63 1.14 -3.60
C ILE A 130 1.25 1.36 -2.12
N ILE A 131 2.23 1.27 -1.23
CA ILE A 131 1.92 1.21 0.20
C ILE A 131 2.28 2.50 0.90
N GLY A 132 2.64 3.48 0.12
CA GLY A 132 2.83 4.75 0.75
C GLY A 132 4.08 5.42 0.38
N GLY A 133 4.16 6.58 1.02
CA GLY A 133 4.58 7.79 0.40
C GLY A 133 3.31 8.55 0.03
N TYR A 134 3.09 9.68 0.66
CA TYR A 134 2.17 10.66 0.08
C TYR A 134 2.51 10.92 -1.40
N ARG A 135 3.76 11.17 -1.74
CA ARG A 135 4.13 11.40 -3.15
C ARG A 135 3.78 10.26 -4.12
N LEU A 136 3.91 9.02 -3.64
CA LEU A 136 3.55 7.86 -4.48
C LEU A 136 2.06 7.69 -4.61
N TYR A 137 1.35 7.88 -3.49
CA TYR A 137 -0.11 7.86 -3.54
C TYR A 137 -0.53 8.93 -4.53
N LYS A 138 0.09 10.09 -4.43
CA LYS A 138 -0.39 11.18 -5.27
C LYS A 138 -0.19 10.84 -6.75
N GLU A 139 1.01 10.38 -7.09
CA GLU A 139 1.26 9.99 -8.48
C GLU A 139 0.36 8.89 -8.96
N ALA A 140 0.15 7.89 -8.10
CA ALA A 140 -0.78 6.81 -8.43
C ALA A 140 -2.20 7.26 -8.69
N LEU A 141 -2.67 8.22 -7.89
CA LEU A 141 -4.05 8.69 -8.06
C LEU A 141 -4.21 9.65 -9.23
N LYS A 142 -3.17 10.43 -9.50
CA LYS A 142 -3.24 11.51 -10.48
C LYS A 142 -3.11 11.00 -11.95
N GLN A 143 -2.44 9.88 -12.17
CA GLN A 143 -2.30 9.34 -13.55
C GLN A 143 -3.64 8.87 -14.10
N SER A 144 -3.81 9.00 -15.42
CA SER A 144 -5.06 8.73 -16.11
C SER A 144 -4.91 7.63 -17.14
N ILE A 145 -4.10 6.62 -16.80
CA ILE A 145 -3.76 5.51 -17.68
C ILE A 145 -4.29 4.19 -17.13
N TYR A 146 -3.96 3.93 -15.86
CA TYR A 146 -4.28 2.66 -15.20
C TYR A 146 -5.45 2.87 -14.22
N PRO A 147 -6.35 1.89 -14.10
CA PRO A 147 -7.39 1.95 -13.05
C PRO A 147 -6.77 1.78 -11.66
N VAL A 148 -7.38 2.34 -10.63
CA VAL A 148 -6.78 2.27 -9.32
C VAL A 148 -7.78 1.65 -8.37
N ARG A 149 -7.28 0.84 -7.44
CA ARG A 149 -8.13 0.24 -6.41
C ARG A 149 -7.51 0.70 -5.11
N ILE A 150 -8.31 1.09 -4.14
CA ILE A 150 -7.76 1.49 -2.84
C ILE A 150 -8.23 0.51 -1.77
N TYR A 151 -7.30 -0.09 -1.06
CA TYR A 151 -7.58 -0.90 0.12
C TYR A 151 -7.35 0.04 1.27
N CYS A 152 -8.42 0.34 1.99
CA CYS A 152 -8.38 1.41 2.93
C CYS A 152 -8.72 0.88 4.33
N THR A 153 -7.87 1.21 5.31
CA THR A 153 -8.26 1.09 6.69
C THR A 153 -8.70 2.45 7.18
N HIS A 154 -9.98 2.57 7.48
CA HIS A 154 -10.53 3.79 8.12
C HIS A 154 -10.34 3.73 9.62
N ILE A 155 -9.84 4.80 10.22
CA ILE A 155 -9.57 4.80 11.64
C ILE A 155 -10.23 6.00 12.28
N LEU A 156 -10.72 5.83 13.51
CA LEU A 156 -11.15 6.95 14.30
C LEU A 156 -9.98 7.27 15.22
N SER A 157 -9.36 8.39 14.91
CA SER A 157 -8.05 8.73 15.46
C SER A 157 -8.19 9.37 16.84
N GLU A 158 -7.65 8.70 17.85
CA GLU A 158 -7.63 9.32 19.18
C GLU A 158 -6.61 10.47 19.20
N VAL A 159 -5.73 10.50 18.20
CA VAL A 159 -4.80 11.62 17.98
C VAL A 159 -4.76 11.98 16.49
N ASP A 160 -4.43 13.23 16.19
CA ASP A 160 -4.61 13.75 14.84
C ASP A 160 -3.57 13.25 13.82
N CYS A 161 -4.05 12.86 12.65
CA CYS A 161 -3.19 12.56 11.50
C CYS A 161 -3.17 13.76 10.58
N ASP A 162 -2.03 14.45 10.53
CA ASP A 162 -1.93 15.76 9.88
C ASP A 162 -1.21 15.84 8.51
N THR A 163 -0.77 14.71 7.95
CA THR A 163 -0.41 14.67 6.53
C THR A 163 -1.67 14.13 5.87
N TYR A 164 -2.03 14.63 4.70
CA TYR A 164 -3.28 14.19 4.06
C TYR A 164 -3.14 13.35 2.84
N PHE A 165 -4.06 12.41 2.71
CA PHE A 165 -4.20 11.64 1.51
C PHE A 165 -4.60 12.56 0.35
N PRO A 166 -4.13 12.25 -0.85
CA PRO A 166 -4.43 13.05 -2.05
C PRO A 166 -5.93 13.16 -2.24
N LYS A 167 -6.42 14.21 -2.90
CA LYS A 167 -7.87 14.34 -3.13
C LYS A 167 -8.43 13.17 -3.93
N VAL A 168 -9.55 12.64 -3.46
CA VAL A 168 -10.30 11.60 -4.17
C VAL A 168 -11.75 12.06 -4.03
N ASP A 169 -12.60 11.78 -5.02
CA ASP A 169 -14.04 12.00 -4.79
C ASP A 169 -14.69 10.71 -4.26
N TRP A 170 -14.73 10.59 -2.93
CA TRP A 170 -15.13 9.34 -2.29
C TRP A 170 -16.57 9.01 -2.60
N ASP A 171 -17.36 10.04 -2.90
CA ASP A 171 -18.76 9.88 -3.26
C ASP A 171 -18.91 8.99 -4.50
N LYS A 172 -17.91 9.01 -5.37
CA LYS A 172 -17.94 8.23 -6.59
C LYS A 172 -17.18 6.90 -6.50
N LEU A 173 -16.46 6.70 -5.40
CA LEU A 173 -15.75 5.44 -5.20
C LEU A 173 -16.76 4.28 -5.22
N LYS A 174 -16.38 3.19 -5.85
CA LYS A 174 -17.28 2.04 -5.95
C LYS A 174 -16.80 1.04 -4.91
N LYS A 175 -17.65 0.79 -3.93
CA LYS A 175 -17.30 -0.09 -2.83
C LYS A 175 -17.28 -1.51 -3.35
N VAL A 176 -16.22 -2.24 -3.00
CA VAL A 176 -16.04 -3.60 -3.47
C VAL A 176 -16.33 -4.57 -2.33
N ASP A 177 -17.07 -5.63 -2.61
CA ASP A 177 -17.27 -6.72 -1.65
C ASP A 177 -16.31 -7.90 -1.87
N LEU A 178 -15.42 -8.14 -0.91
CA LEU A 178 -14.51 -9.28 -1.01
C LEU A 178 -14.68 -10.17 0.19
N PRO A 179 -14.79 -11.49 -0.03
CA PRO A 179 -15.22 -12.46 1.00
C PRO A 179 -14.24 -12.57 2.18
N ASP A 180 -12.95 -12.53 1.90
CA ASP A 180 -11.95 -12.70 2.95
C ASP A 180 -11.86 -11.45 3.82
N ILE A 181 -12.54 -10.36 3.43
CA ILE A 181 -12.43 -9.11 4.16
C ILE A 181 -13.60 -8.85 5.12
N PRO A 182 -13.32 -8.91 6.43
CA PRO A 182 -14.41 -8.77 7.39
C PRO A 182 -14.88 -7.34 7.36
N ALA A 183 -16.18 -7.14 7.52
CA ALA A 183 -16.77 -5.84 7.31
C ALA A 183 -17.06 -5.15 8.63
N ASP A 184 -16.84 -5.89 9.73
CA ASP A 184 -17.02 -5.36 11.08
C ASP A 184 -16.09 -4.19 11.45
N THR A 185 -16.51 -3.39 12.42
CA THR A 185 -15.60 -2.44 13.05
C THR A 185 -14.77 -3.11 14.16
N PHE A 186 -13.48 -2.76 14.27
CA PHE A 186 -12.60 -3.37 15.26
C PHE A 186 -12.02 -2.33 16.21
N THR A 187 -11.74 -2.73 17.45
CA THR A 187 -11.09 -1.82 18.38
C THR A 187 -9.84 -2.45 18.97
N GLU A 188 -8.68 -1.85 18.69
CA GLU A 188 -7.44 -2.32 19.27
C GLU A 188 -6.60 -1.12 19.69
N ASN A 189 -6.13 -1.18 20.93
CA ASN A 189 -5.50 -0.06 21.61
C ASN A 189 -6.50 1.09 21.72
N GLY A 190 -6.08 2.27 21.28
CA GLY A 190 -6.97 3.41 21.31
C GLY A 190 -7.70 3.55 19.99
N PHE A 191 -7.51 2.56 19.11
CA PHE A 191 -7.97 2.66 17.72
C PHE A 191 -9.23 1.87 17.42
N THR A 192 -10.13 2.52 16.72
CA THR A 192 -11.30 1.86 16.20
C THR A 192 -11.21 1.98 14.68
N PHE A 193 -11.45 0.90 13.95
CA PHE A 193 -11.19 0.91 12.51
C PHE A 193 -12.04 -0.10 11.76
N LYS A 194 -12.08 0.06 10.46
CA LYS A 194 -12.79 -0.90 9.64
C LYS A 194 -12.09 -0.90 8.31
N PHE A 195 -12.30 -1.97 7.57
CA PHE A 195 -11.58 -2.19 6.29
C PHE A 195 -12.55 -2.03 5.13
N CYS A 196 -12.15 -1.28 4.13
CA CYS A 196 -13.02 -1.02 2.98
C CYS A 196 -12.14 -1.05 1.73
N VAL A 197 -12.72 -1.52 0.64
CA VAL A 197 -12.01 -1.61 -0.62
C VAL A 197 -12.81 -0.88 -1.71
N TYR A 198 -12.10 -0.04 -2.47
CA TYR A 198 -12.77 0.84 -3.41
C TYR A 198 -12.14 0.76 -4.77
N ASP A 199 -12.98 0.76 -5.80
CA ASP A 199 -12.52 0.96 -7.17
C ASP A 199 -12.79 2.38 -7.56
N VAL A 200 -11.76 3.06 -8.06
CA VAL A 200 -11.91 4.43 -8.50
C VAL A 200 -12.41 4.32 -9.92
N PRO A 201 -13.58 4.91 -10.21
CA PRO A 201 -14.14 4.81 -11.56
C PRO A 201 -13.38 5.68 -12.54
S SO4 B . 14.10 10.54 -1.44
O1 SO4 B . 14.23 10.23 -2.87
O2 SO4 B . 12.83 11.22 -1.24
O3 SO4 B . 14.23 9.31 -0.65
O4 SO4 B . 15.18 11.41 -1.01
S SO4 C . 7.97 8.20 1.56
O1 SO4 C . 7.36 8.53 0.26
O2 SO4 C . 7.68 6.83 1.99
O3 SO4 C . 9.41 8.39 1.41
O4 SO4 C . 7.43 9.09 2.61
S SO4 D . 24.18 -3.01 -3.36
O1 SO4 D . 23.22 -3.72 -4.20
O2 SO4 D . 23.63 -1.69 -3.06
O3 SO4 D . 24.41 -3.75 -2.11
O4 SO4 D . 25.44 -2.86 -4.08
#